data_5FOJ
#
_entry.id   5FOJ
#
_cell.length_a   1.000
_cell.length_b   1.000
_cell.length_c   1.000
_cell.angle_alpha   90.00
_cell.angle_beta   90.00
_cell.angle_gamma   90.00
#
_symmetry.space_group_name_H-M   'P 1'
#
loop_
_entity.id
_entity.type
_entity.pdbx_description
1 polymer Nanobody
2 polymer 'RNA2 polyprotein'
#
loop_
_entity_poly.entity_id
_entity_poly.type
_entity_poly.pdbx_seq_one_letter_code
_entity_poly.pdbx_strand_id
1 'polypeptide(L)'
;QVQLQESGGGSVQVGGSLRVACAASGDTFSGYLAAWFRQAPGKGREGVAAINSKRHTTSYADSVKGRFTISKDNADNIMY
LEMNSLKPEDTAIYYCAAADAIGLAEYWSTPTLSAARYKYWGQGTQVTVSSHHHHHH
;
A
2 'polypeptide(L)'
;GLAGRGVIYIPKDCQANRYLGTLNIRDMISDFKGVQYEKWITAGLVMPTFKIVIRLPANAFTGLTWVMSFDAYNRITSRI
TASADPVYTLSVPHWLIHHKLGTFSCEIDYGELCGHAMWFKSTTFESPRLHFTCLTGNNKELAADWQAVVELYAELEEAT
SFLGKPTLVFDPGVFNGKFQFLTCPPIFFDLTAVTALRSAGLTLGQVPMVGTTKVYNLNSTLVSCVLGMGGTVRGRVHIC
APIFYSIVLWVVSEWNGTTMDWNELFKYPGVYVEEDGSFEVKIRSPYHRTPARLLAGQSQRDMSSLNFYAIAGPIAPSGE
TAQLPIVVQIDEIVRPDLSLPSFEDDYFVWVDFSEFTLDKEEIEIGSRFFDFTSNTCRVSMGENPFAAMIACHGLHSGVL
DLKLQWSLNTEFGKSSGSVTITKLVGDKAMGLDGPSHVFAIQKLEGTTELLVGNFAGANPNTRFSLYSRWMAIKLDQAKS
IKVLRVLCKPRPGFSFYGRTSFPV
;
B
#
# COMPACT_ATOMS: atom_id res chain seq x y z
N GLN A 1 -10.55 -5.80 -19.93
CA GLN A 1 -9.79 -5.96 -18.66
C GLN A 1 -9.59 -7.43 -18.29
N VAL A 2 -10.63 -8.24 -18.43
CA VAL A 2 -10.54 -9.66 -18.09
C VAL A 2 -11.32 -10.46 -19.12
N GLN A 3 -10.65 -11.40 -19.77
CA GLN A 3 -11.24 -12.40 -20.63
C GLN A 3 -11.17 -13.74 -19.90
N LEU A 4 -12.12 -14.62 -20.19
CA LEU A 4 -12.16 -15.93 -19.58
C LEU A 4 -12.67 -16.94 -20.60
N GLN A 5 -11.98 -18.07 -20.70
CA GLN A 5 -12.38 -19.17 -21.56
C GLN A 5 -12.06 -20.47 -20.83
N GLU A 6 -13.01 -21.40 -20.82
CA GLU A 6 -12.87 -22.59 -20.00
C GLU A 6 -13.50 -23.80 -20.69
N SER A 7 -12.90 -24.96 -20.46
CA SER A 7 -13.47 -26.24 -20.85
C SER A 7 -12.92 -27.29 -19.90
N GLY A 8 -13.27 -28.55 -20.17
CA GLY A 8 -12.79 -29.66 -19.39
C GLY A 8 -13.80 -30.32 -18.48
N GLY A 9 -15.08 -30.02 -18.64
CA GLY A 9 -16.11 -30.68 -17.87
C GLY A 9 -16.80 -31.80 -18.66
N GLY A 10 -17.19 -32.84 -17.95
CA GLY A 10 -17.84 -33.97 -18.59
C GLY A 10 -18.10 -35.07 -17.58
N SER A 11 -18.94 -36.02 -18.01
CA SER A 11 -19.32 -37.11 -17.12
C SER A 11 -18.11 -37.99 -16.81
N VAL A 12 -18.17 -38.65 -15.65
CA VAL A 12 -17.05 -39.44 -15.15
C VAL A 12 -17.58 -40.42 -14.12
N GLN A 13 -16.79 -41.45 -13.83
CA GLN A 13 -17.11 -42.40 -12.77
C GLN A 13 -16.74 -41.82 -11.42
N VAL A 14 -17.32 -42.41 -10.36
CA VAL A 14 -17.08 -41.92 -9.02
C VAL A 14 -15.62 -42.16 -8.65
N GLY A 15 -15.07 -41.26 -7.82
CA GLY A 15 -13.65 -41.26 -7.56
C GLY A 15 -12.81 -40.66 -8.66
N GLY A 16 -13.44 -39.89 -9.58
CA GLY A 16 -12.74 -39.38 -10.72
C GLY A 16 -12.22 -37.96 -10.52
N SER A 17 -11.25 -37.59 -11.35
CA SER A 17 -10.53 -36.33 -11.24
C SER A 17 -10.65 -35.57 -12.56
N LEU A 18 -11.26 -34.39 -12.51
CA LEU A 18 -11.38 -33.52 -13.68
C LEU A 18 -10.55 -32.27 -13.46
N ARG A 19 -9.50 -32.10 -14.26
CA ARG A 19 -8.77 -30.85 -14.25
C ARG A 19 -9.56 -29.82 -15.04
N VAL A 20 -9.49 -28.57 -14.60
CA VAL A 20 -10.19 -27.48 -15.27
C VAL A 20 -9.16 -26.58 -15.94
N ALA A 21 -9.55 -26.03 -17.10
CA ALA A 21 -8.61 -25.37 -17.99
C ALA A 21 -8.07 -24.10 -17.35
N CYS A 22 -6.82 -23.79 -17.66
CA CYS A 22 -6.17 -22.60 -17.12
C CYS A 22 -6.96 -21.35 -17.50
N ALA A 23 -7.21 -20.51 -16.49
CA ALA A 23 -7.99 -19.30 -16.73
C ALA A 23 -7.29 -18.39 -17.72
N ALA A 24 -8.00 -18.03 -18.79
CA ALA A 24 -7.42 -17.14 -19.79
C ALA A 24 -7.12 -15.78 -19.16
N SER A 25 -5.86 -15.39 -19.21
CA SER A 25 -5.51 -14.02 -18.87
C SER A 25 -6.18 -13.04 -19.82
N GLY A 26 -6.36 -11.82 -19.35
CA GLY A 26 -6.71 -10.72 -20.23
C GLY A 26 -6.12 -9.42 -19.72
N ASP A 27 -5.63 -8.61 -20.66
CA ASP A 27 -5.12 -7.27 -20.37
C ASP A 27 -3.86 -7.29 -19.48
N THR A 28 -3.08 -8.37 -19.58
CA THR A 28 -1.70 -8.45 -19.09
C THR A 28 -1.54 -8.35 -17.56
N PHE A 29 -2.51 -8.80 -16.75
CA PHE A 29 -2.17 -9.02 -15.34
C PHE A 29 -2.48 -10.43 -14.82
N SER A 30 -3.75 -10.82 -14.85
CA SER A 30 -4.21 -12.12 -14.35
C SER A 30 -3.68 -12.44 -12.94
N GLY A 31 -3.62 -11.44 -12.06
CA GLY A 31 -3.20 -11.65 -10.69
C GLY A 31 -4.27 -11.48 -9.65
N TYR A 32 -5.52 -11.33 -10.05
CA TYR A 32 -6.59 -10.99 -9.13
C TYR A 32 -7.14 -12.19 -8.38
N LEU A 33 -7.42 -11.98 -7.09
CA LEU A 33 -8.09 -12.96 -6.25
C LEU A 33 -9.37 -13.46 -6.89
N ALA A 34 -9.43 -14.76 -7.17
CA ALA A 34 -10.53 -15.33 -7.94
C ALA A 34 -11.04 -16.61 -7.30
N ALA A 35 -12.37 -16.75 -7.24
CA ALA A 35 -13.02 -17.86 -6.57
C ALA A 35 -13.99 -18.56 -7.50
N TRP A 36 -14.02 -19.89 -7.43
CA TRP A 36 -15.00 -20.66 -8.17
C TRP A 36 -16.35 -20.61 -7.48
N PHE A 37 -17.38 -20.99 -8.22
CA PHE A 37 -18.75 -20.97 -7.70
C PHE A 37 -19.56 -22.12 -8.27
N ARG A 38 -20.54 -22.57 -7.47
CA ARG A 38 -21.45 -23.63 -7.86
C ARG A 38 -22.90 -23.15 -7.70
N GLN A 39 -23.80 -23.96 -8.25
CA GLN A 39 -25.24 -23.76 -8.22
C GLN A 39 -25.90 -25.06 -7.77
N ALA A 40 -27.18 -24.99 -7.41
CA ALA A 40 -28.04 -26.16 -7.36
C ALA A 40 -29.39 -25.78 -7.94
N PRO A 41 -30.10 -26.71 -8.56
CA PRO A 41 -31.44 -26.40 -9.06
C PRO A 41 -32.31 -25.85 -7.93
N GLY A 42 -32.81 -24.63 -8.13
CA GLY A 42 -33.50 -23.92 -7.07
C GLY A 42 -32.61 -23.19 -6.09
N LYS A 43 -31.31 -23.45 -6.08
CA LYS A 43 -30.39 -22.84 -5.11
C LYS A 43 -29.22 -22.22 -5.88
N GLY A 44 -29.09 -20.90 -5.78
CA GLY A 44 -28.10 -20.17 -6.56
C GLY A 44 -26.84 -19.81 -5.79
N ARG A 45 -25.70 -19.88 -6.49
CA ARG A 45 -24.43 -19.28 -6.09
C ARG A 45 -24.03 -19.61 -4.66
N GLU A 46 -23.72 -20.89 -4.44
CA GLU A 46 -22.91 -21.28 -3.29
C GLU A 46 -21.43 -21.26 -3.68
N GLY A 47 -20.59 -20.75 -2.78
CA GLY A 47 -19.18 -20.60 -3.08
C GLY A 47 -18.41 -21.91 -3.03
N VAL A 48 -17.22 -21.88 -3.62
CA VAL A 48 -16.26 -22.99 -3.60
C VAL A 48 -14.89 -22.39 -3.37
N ALA A 49 -13.85 -23.22 -3.41
CA ALA A 49 -12.52 -22.84 -2.95
C ALA A 49 -11.95 -21.66 -3.74
N ALA A 50 -10.97 -21.00 -3.12
CA ALA A 50 -10.30 -19.86 -3.72
C ALA A 50 -8.87 -19.80 -3.20
N ILE A 51 -8.05 -18.99 -3.87
CA ILE A 51 -6.70 -18.71 -3.41
C ILE A 51 -6.43 -17.22 -3.45
N ASN A 52 -5.80 -16.71 -2.40
CA ASN A 52 -5.07 -15.46 -2.48
C ASN A 52 -3.67 -15.84 -2.94
N SER A 53 -3.39 -15.56 -4.21
CA SER A 53 -2.26 -16.19 -4.89
C SER A 53 -0.93 -15.61 -4.45
N LYS A 54 -0.87 -14.30 -4.22
CA LYS A 54 0.41 -13.65 -3.99
C LYS A 54 0.96 -13.94 -2.62
N ARG A 55 0.09 -14.16 -1.64
CA ARG A 55 0.52 -14.53 -0.30
C ARG A 55 0.58 -16.02 -0.11
N HIS A 56 0.15 -16.79 -1.11
CA HIS A 56 0.08 -18.24 -1.03
C HIS A 56 -0.81 -18.67 0.12
N THR A 57 -2.02 -18.11 0.14
CA THR A 57 -3.02 -18.47 1.13
C THR A 57 -4.15 -19.20 0.43
N THR A 58 -4.52 -20.35 0.97
CA THR A 58 -5.58 -21.17 0.41
C THR A 58 -6.84 -21.02 1.25
N SER A 59 -7.99 -21.10 0.58
CA SER A 59 -9.28 -21.08 1.24
C SER A 59 -10.14 -22.15 0.59
N TYR A 60 -10.85 -22.91 1.42
CA TYR A 60 -11.73 -23.96 0.94
C TYR A 60 -13.13 -23.67 1.42
N ALA A 61 -14.08 -24.25 0.69
CA ALA A 61 -15.49 -24.10 1.03
C ALA A 61 -15.87 -25.06 2.15
N ASP A 62 -16.91 -24.69 2.87
CA ASP A 62 -17.54 -25.65 3.77
C ASP A 62 -18.15 -26.80 2.97
N SER A 63 -18.36 -27.91 3.66
CA SER A 63 -18.92 -29.13 3.07
C SER A 63 -17.93 -29.87 2.19
N VAL A 64 -16.76 -29.29 1.93
CA VAL A 64 -15.76 -29.91 1.06
C VAL A 64 -14.38 -29.62 1.62
N LYS A 65 -13.58 -30.67 1.81
CA LYS A 65 -12.16 -30.51 2.08
C LYS A 65 -11.42 -31.69 1.48
N GLY A 66 -10.42 -31.40 0.66
CA GLY A 66 -9.53 -32.39 0.11
C GLY A 66 -9.97 -32.99 -1.21
N ARG A 67 -11.29 -33.02 -1.49
CA ARG A 67 -11.73 -33.54 -2.76
C ARG A 67 -11.86 -32.45 -3.83
N PHE A 68 -11.86 -31.18 -3.43
CA PHE A 68 -11.56 -30.07 -4.31
C PHE A 68 -10.29 -29.41 -3.83
N THR A 69 -9.38 -29.10 -4.75
CA THR A 69 -8.20 -28.34 -4.45
C THR A 69 -8.07 -27.20 -5.44
N ILE A 70 -7.36 -26.16 -5.03
CA ILE A 70 -7.08 -25.03 -5.90
C ILE A 70 -5.63 -24.61 -5.70
N SER A 71 -4.87 -24.62 -6.78
CA SER A 71 -3.44 -24.38 -6.74
C SER A 71 -3.04 -23.56 -7.95
N LYS A 72 -1.88 -22.94 -7.87
CA LYS A 72 -1.33 -22.15 -8.97
C LYS A 72 0.01 -22.73 -9.38
N ASP A 73 0.17 -22.97 -10.68
CA ASP A 73 1.45 -23.43 -11.21
C ASP A 73 2.47 -22.31 -11.13
N ASN A 74 3.68 -22.64 -10.66
CA ASN A 74 4.72 -21.63 -10.52
C ASN A 74 5.21 -21.16 -11.89
N ALA A 75 5.37 -22.09 -12.84
CA ALA A 75 5.86 -21.72 -14.17
C ALA A 75 4.75 -21.11 -15.02
N ASP A 76 3.59 -21.76 -15.06
CA ASP A 76 2.49 -21.24 -15.88
C ASP A 76 1.90 -19.97 -15.27
N ASN A 77 1.91 -19.86 -13.94
CA ASN A 77 1.49 -18.65 -13.24
C ASN A 77 0.02 -18.32 -13.50
N ILE A 78 -0.77 -19.33 -13.85
CA ILE A 78 -2.20 -19.17 -14.14
C ILE A 78 -2.98 -20.14 -13.28
N MET A 79 -3.89 -19.62 -12.47
CA MET A 79 -4.74 -20.45 -11.62
C MET A 79 -5.57 -21.42 -12.46
N TYR A 80 -5.88 -22.57 -11.85
CA TYR A 80 -6.87 -23.50 -12.39
C TYR A 80 -7.42 -24.33 -11.24
N LEU A 81 -8.72 -24.61 -11.30
CA LEU A 81 -9.34 -25.53 -10.35
C LEU A 81 -8.80 -26.93 -10.55
N GLU A 82 -8.58 -27.66 -9.46
CA GLU A 82 -8.27 -29.07 -9.54
C GLU A 82 -9.27 -29.85 -8.70
N MET A 83 -9.75 -30.96 -9.25
CA MET A 83 -10.65 -31.86 -8.55
C MET A 83 -10.06 -33.26 -8.62
N ASN A 84 -9.68 -33.82 -7.47
CA ASN A 84 -9.01 -35.11 -7.45
C ASN A 84 -9.96 -36.27 -7.20
N SER A 85 -11.02 -36.05 -6.41
CA SER A 85 -12.06 -37.06 -6.21
C SER A 85 -13.39 -36.34 -6.11
N LEU A 86 -14.46 -37.07 -6.41
CA LEU A 86 -15.75 -36.45 -6.64
C LEU A 86 -16.88 -37.27 -6.03
N LYS A 87 -17.76 -36.59 -5.30
CA LYS A 87 -19.01 -37.15 -4.85
C LYS A 87 -20.06 -37.03 -5.93
N PRO A 88 -21.13 -37.83 -5.86
CA PRO A 88 -22.13 -37.81 -6.95
C PRO A 88 -22.67 -36.43 -7.28
N GLU A 89 -22.88 -35.55 -6.30
CA GLU A 89 -23.65 -34.33 -6.50
C GLU A 89 -22.70 -33.15 -6.73
N ASP A 90 -22.38 -32.93 -8.02
CA ASP A 90 -21.72 -31.71 -8.50
C ASP A 90 -22.59 -31.01 -9.53
N THR A 91 -23.90 -31.13 -9.41
CA THR A 91 -24.85 -30.88 -10.49
C THR A 91 -24.52 -29.66 -11.35
N ALA A 92 -24.09 -28.58 -10.72
CA ALA A 92 -24.06 -27.31 -11.42
C ALA A 92 -22.91 -27.21 -12.40
N ILE A 93 -23.02 -26.21 -13.26
CA ILE A 93 -21.90 -25.69 -14.03
C ILE A 93 -21.06 -24.81 -13.11
N TYR A 94 -19.75 -24.99 -13.13
CA TYR A 94 -18.93 -24.14 -12.28
C TYR A 94 -18.70 -22.79 -12.95
N TYR A 95 -18.46 -21.77 -12.13
CA TYR A 95 -18.19 -20.44 -12.61
C TYR A 95 -16.84 -19.98 -12.10
N CYS A 96 -16.13 -19.24 -12.95
CA CYS A 96 -14.87 -18.60 -12.63
C CYS A 96 -15.11 -17.11 -12.56
N ALA A 97 -14.78 -16.49 -11.43
CA ALA A 97 -15.02 -15.07 -11.27
C ALA A 97 -13.96 -14.48 -10.34
N ALA A 98 -13.42 -13.33 -10.74
CA ALA A 98 -12.29 -12.71 -10.09
C ALA A 98 -12.64 -11.31 -9.62
N ALA A 99 -11.95 -10.85 -8.58
CA ALA A 99 -12.07 -9.50 -8.04
C ALA A 99 -10.69 -8.88 -7.97
N ASP A 100 -10.57 -7.66 -8.47
CA ASP A 100 -9.27 -7.02 -8.60
C ASP A 100 -9.12 -5.77 -7.74
N ALA A 101 -10.08 -5.46 -6.88
CA ALA A 101 -10.04 -4.25 -6.08
C ALA A 101 -9.59 -4.52 -4.65
N ILE A 102 -8.77 -5.55 -4.46
CA ILE A 102 -8.41 -5.98 -3.12
C ILE A 102 -7.75 -4.85 -2.36
N GLY A 103 -8.18 -4.67 -1.11
CA GLY A 103 -7.62 -3.70 -0.21
C GLY A 103 -6.74 -4.34 0.84
N LEU A 104 -6.62 -3.66 1.98
CA LEU A 104 -5.79 -4.20 3.05
C LEU A 104 -6.56 -5.10 4.00
N ALA A 105 -7.88 -5.04 3.99
CA ALA A 105 -8.69 -5.89 4.83
C ALA A 105 -9.04 -7.21 4.17
N GLU A 106 -8.83 -7.32 2.86
CA GLU A 106 -9.05 -8.54 2.11
C GLU A 106 -7.75 -9.25 1.78
N TYR A 107 -6.63 -8.78 2.34
CA TYR A 107 -5.31 -9.28 1.98
C TYR A 107 -4.77 -10.26 3.02
N TRP A 108 -4.68 -9.84 4.28
CA TRP A 108 -4.24 -10.77 5.31
C TRP A 108 -5.34 -11.68 5.81
N SER A 109 -6.59 -11.41 5.44
CA SER A 109 -7.68 -12.27 5.84
C SER A 109 -7.76 -13.48 4.92
N THR A 110 -8.57 -14.45 5.31
CA THR A 110 -8.87 -15.53 4.40
C THR A 110 -9.66 -14.99 3.21
N PRO A 111 -9.45 -15.56 2.04
CA PRO A 111 -10.23 -15.13 0.87
C PRO A 111 -11.71 -15.34 1.09
N THR A 112 -12.50 -14.32 0.77
CA THR A 112 -13.93 -14.36 0.99
C THR A 112 -14.59 -15.24 -0.06
N LEU A 113 -15.73 -15.83 0.32
CA LEU A 113 -16.53 -16.64 -0.58
C LEU A 113 -17.84 -15.99 -0.96
N SER A 114 -18.09 -14.76 -0.53
CA SER A 114 -19.35 -14.10 -0.87
C SER A 114 -19.41 -13.79 -2.35
N ALA A 115 -20.60 -13.99 -2.93
CA ALA A 115 -20.78 -13.80 -4.36
C ALA A 115 -20.84 -12.33 -4.74
N ALA A 116 -21.31 -11.47 -3.85
CA ALA A 116 -21.58 -10.09 -4.22
C ALA A 116 -20.30 -9.28 -4.45
N ARG A 117 -19.15 -9.79 -4.01
CA ARG A 117 -17.92 -9.02 -4.10
C ARG A 117 -17.28 -9.08 -5.48
N TYR A 118 -17.47 -10.18 -6.19
CA TYR A 118 -16.74 -10.45 -7.42
C TYR A 118 -17.48 -9.84 -8.61
N LYS A 119 -16.82 -8.92 -9.31
CA LYS A 119 -17.45 -8.11 -10.34
C LYS A 119 -17.29 -8.68 -11.74
N TYR A 120 -16.37 -9.62 -11.95
CA TYR A 120 -16.13 -10.21 -13.27
C TYR A 120 -16.75 -11.60 -13.31
N TRP A 121 -17.80 -11.77 -14.12
CA TRP A 121 -18.56 -13.00 -14.18
C TRP A 121 -18.57 -13.58 -15.58
N GLY A 122 -18.42 -14.90 -15.66
CA GLY A 122 -18.32 -15.61 -16.92
C GLY A 122 -19.08 -16.92 -16.87
N GLN A 123 -19.21 -17.53 -18.05
CA GLN A 123 -20.16 -18.64 -18.21
C GLN A 123 -19.68 -19.88 -17.46
N GLY A 124 -18.47 -20.34 -17.76
CA GLY A 124 -17.95 -21.53 -17.10
C GLY A 124 -18.34 -22.82 -17.81
N THR A 125 -17.86 -23.93 -17.23
CA THR A 125 -17.84 -25.23 -17.90
C THR A 125 -18.76 -26.22 -17.19
N GLN A 126 -19.48 -27.00 -18.01
CA GLN A 126 -20.50 -27.93 -17.52
C GLN A 126 -19.88 -29.24 -17.04
N VAL A 127 -20.21 -29.62 -15.80
CA VAL A 127 -19.72 -30.82 -15.17
C VAL A 127 -20.90 -31.54 -14.52
N THR A 128 -20.97 -32.86 -14.69
CA THR A 128 -21.99 -33.67 -14.03
C THR A 128 -21.52 -35.11 -14.05
N VAL A 129 -22.24 -35.96 -13.32
CA VAL A 129 -22.03 -37.40 -13.35
C VAL A 129 -23.39 -38.09 -13.40
N SER A 130 -23.38 -39.32 -13.88
CA SER A 130 -24.60 -40.10 -14.00
C SER A 130 -25.12 -40.50 -12.62
N GLY B 1 34.67 13.62 2.14
CA GLY B 1 34.56 12.14 2.25
C GLY B 1 33.69 11.55 1.17
N LEU B 2 34.30 11.21 0.04
CA LEU B 2 33.59 10.59 -1.05
C LEU B 2 33.66 9.07 -0.91
N ALA B 3 32.50 8.43 -1.00
CA ALA B 3 32.43 6.98 -1.01
C ALA B 3 31.23 6.59 -1.87
N GLY B 4 31.45 5.65 -2.78
CA GLY B 4 30.38 5.21 -3.65
C GLY B 4 30.21 6.07 -4.87
N ARG B 5 29.89 5.43 -5.99
CA ARG B 5 29.67 6.09 -7.26
C ARG B 5 28.80 5.20 -8.12
N GLY B 6 28.00 5.82 -8.97
CA GLY B 6 27.18 5.05 -9.89
C GLY B 6 26.83 5.85 -11.11
N VAL B 7 26.38 5.15 -12.13
CA VAL B 7 25.93 5.78 -13.36
C VAL B 7 24.52 5.31 -13.67
N ILE B 8 23.81 6.13 -14.43
CA ILE B 8 22.53 5.76 -14.98
C ILE B 8 22.52 6.14 -16.45
N TYR B 9 21.93 5.28 -17.27
CA TYR B 9 21.95 5.40 -18.72
C TYR B 9 20.59 5.87 -19.19
N ILE B 10 20.55 7.04 -19.79
CA ILE B 10 19.30 7.66 -20.24
C ILE B 10 19.24 7.54 -21.76
N PRO B 11 18.20 6.94 -22.32
CA PRO B 11 18.10 6.82 -23.77
C PRO B 11 17.80 8.17 -24.40
N LYS B 12 17.99 8.22 -25.72
CA LYS B 12 17.96 9.51 -26.39
C LYS B 12 16.61 10.18 -26.25
N ASP B 13 15.54 9.43 -26.47
CA ASP B 13 14.18 9.94 -26.33
C ASP B 13 13.59 9.34 -25.07
N CYS B 14 13.62 10.11 -23.98
CA CYS B 14 12.99 9.64 -22.76
C CYS B 14 11.49 9.81 -22.89
N GLN B 15 10.77 8.93 -22.23
CA GLN B 15 9.32 8.92 -22.25
C GLN B 15 8.83 9.24 -20.85
N ALA B 16 7.60 9.73 -20.77
CA ALA B 16 6.98 9.90 -19.47
C ALA B 16 6.61 8.54 -18.90
N ASN B 17 7.04 8.29 -17.67
CA ASN B 17 6.87 7.10 -16.83
C ASN B 17 7.82 5.96 -17.20
N ARG B 18 8.77 6.16 -18.11
CA ARG B 18 9.71 5.09 -18.44
C ARG B 18 10.74 4.91 -17.33
N TYR B 19 11.22 3.68 -17.19
CA TYR B 19 12.08 3.28 -16.10
C TYR B 19 13.55 3.46 -16.48
N LEU B 20 14.28 4.22 -15.66
CA LEU B 20 15.66 4.59 -15.94
C LEU B 20 16.67 3.81 -15.12
N GLY B 21 16.26 2.75 -14.45
CA GLY B 21 17.20 1.91 -13.77
C GLY B 21 17.45 2.35 -12.33
N THR B 22 17.88 1.39 -11.52
CA THR B 22 18.01 1.58 -10.09
C THR B 22 19.45 1.33 -9.65
N LEU B 23 19.73 1.75 -8.43
CA LEU B 23 21.04 1.49 -7.85
C LEU B 23 20.94 1.50 -6.33
N ASN B 24 21.73 0.64 -5.70
CA ASN B 24 21.67 0.45 -4.26
C ASN B 24 22.98 0.84 -3.59
N ILE B 25 22.84 1.45 -2.42
CA ILE B 25 23.98 2.00 -1.69
C ILE B 25 24.91 0.90 -1.21
N ARG B 26 24.38 -0.29 -0.96
CA ARG B 26 25.23 -1.41 -0.55
C ARG B 26 26.25 -1.73 -1.63
N ASP B 27 25.82 -1.75 -2.88
CA ASP B 27 26.73 -2.03 -3.98
C ASP B 27 27.75 -0.92 -4.16
N MET B 28 27.33 0.33 -4.00
CA MET B 28 28.25 1.42 -4.29
C MET B 28 29.32 1.54 -3.23
N ILE B 29 28.99 1.27 -1.97
CA ILE B 29 30.04 1.36 -0.95
C ILE B 29 30.90 0.11 -0.95
N SER B 30 30.36 -1.04 -1.35
CA SER B 30 31.19 -2.24 -1.42
C SER B 30 32.08 -2.24 -2.67
N ASP B 31 31.49 -1.91 -3.81
CA ASP B 31 32.22 -1.98 -5.08
C ASP B 31 33.32 -0.92 -5.15
N PHE B 32 33.01 0.29 -4.72
CA PHE B 32 33.97 1.40 -4.74
C PHE B 32 34.73 1.34 -3.43
N LYS B 33 35.84 0.61 -3.46
CA LYS B 33 36.60 0.35 -2.24
C LYS B 33 37.40 1.59 -1.89
N GLY B 34 37.33 1.98 -0.62
CA GLY B 34 37.75 3.31 -0.27
C GLY B 34 38.05 3.47 1.20
N VAL B 35 38.11 4.73 1.61
CA VAL B 35 38.35 5.06 3.01
C VAL B 35 37.15 4.69 3.85
N GLN B 36 35.95 5.05 3.38
CA GLN B 36 34.76 4.89 4.21
C GLN B 36 34.29 3.44 4.24
N TYR B 37 34.45 2.70 3.15
CA TYR B 37 34.06 1.29 3.16
C TYR B 37 34.73 0.53 4.28
N GLU B 38 36.05 0.67 4.42
CA GLU B 38 36.74 -0.04 5.47
C GLU B 38 36.67 0.68 6.81
N LYS B 39 36.36 1.97 6.82
CA LYS B 39 36.04 2.60 8.10
C LYS B 39 34.69 2.14 8.62
N TRP B 40 33.87 1.59 7.75
CA TRP B 40 32.56 1.04 8.07
C TRP B 40 32.62 -0.38 8.56
N ILE B 41 33.80 -1.00 8.51
CA ILE B 41 34.00 -2.31 9.13
C ILE B 41 34.26 -2.15 10.61
N THR B 42 35.23 -1.29 10.95
CA THR B 42 35.61 -1.13 12.34
C THR B 42 34.50 -0.51 13.17
N ALA B 43 33.69 0.36 12.57
CA ALA B 43 32.64 1.03 13.31
C ALA B 43 31.48 0.11 13.62
N GLY B 44 31.49 -1.11 13.11
CA GLY B 44 30.34 -1.98 13.25
C GLY B 44 29.20 -1.55 12.34
N LEU B 45 28.12 -1.06 12.93
CA LEU B 45 26.97 -0.59 12.18
C LEU B 45 26.84 0.91 12.35
N VAL B 46 26.53 1.60 11.26
CA VAL B 46 26.54 3.06 11.19
C VAL B 46 25.16 3.56 10.82
N MET B 47 24.90 4.82 11.21
CA MET B 47 23.68 5.55 10.86
C MET B 47 24.11 6.81 10.12
N PRO B 48 24.35 6.72 8.82
CA PRO B 48 24.98 7.83 8.11
C PRO B 48 24.00 8.91 7.68
N THR B 49 24.47 10.15 7.70
CA THR B 49 23.79 11.28 7.09
C THR B 49 24.63 11.67 5.88
N PHE B 50 24.12 11.42 4.67
CA PHE B 50 24.97 11.63 3.52
C PHE B 50 24.20 12.29 2.40
N LYS B 51 24.90 13.12 1.65
CA LYS B 51 24.27 13.89 0.59
C LYS B 51 24.59 13.24 -0.75
N ILE B 52 23.54 12.80 -1.43
CA ILE B 52 23.64 12.42 -2.82
C ILE B 52 23.82 13.67 -3.65
N VAL B 53 24.73 13.59 -4.61
CA VAL B 53 25.01 14.66 -5.56
C VAL B 53 24.94 14.04 -6.94
N ILE B 54 23.94 14.45 -7.71
CA ILE B 54 23.72 13.92 -9.05
C ILE B 54 24.21 14.97 -10.03
N ARG B 55 25.10 14.56 -10.93
CA ARG B 55 25.78 15.48 -11.83
C ARG B 55 25.25 15.26 -13.23
N LEU B 56 24.51 16.24 -13.73
CA LEU B 56 23.96 16.23 -15.07
C LEU B 56 24.10 17.62 -15.64
N PRO B 57 24.23 17.73 -16.96
CA PRO B 57 24.42 19.05 -17.57
C PRO B 57 23.14 19.86 -17.57
N ALA B 58 23.28 21.16 -17.34
CA ALA B 58 22.15 22.07 -17.27
C ALA B 58 21.79 22.51 -18.68
N ASN B 59 20.62 22.09 -19.14
CA ASN B 59 20.13 22.45 -20.47
C ASN B 59 18.63 22.70 -20.38
N ALA B 60 18.20 23.87 -20.84
CA ALA B 60 16.86 24.37 -20.58
C ALA B 60 15.90 24.21 -21.75
N PHE B 61 16.30 23.56 -22.83
CA PHE B 61 15.46 23.50 -24.02
C PHE B 61 14.74 22.18 -24.21
N THR B 62 14.93 21.21 -23.31
CA THR B 62 14.23 19.94 -23.41
C THR B 62 13.17 19.74 -22.33
N GLY B 63 13.23 20.48 -21.24
CA GLY B 63 12.16 20.44 -20.25
C GLY B 63 11.92 19.07 -19.64
N LEU B 64 12.99 18.36 -19.31
CA LEU B 64 12.90 17.07 -18.63
C LEU B 64 12.77 17.27 -17.12
N THR B 65 12.28 16.21 -16.47
CA THR B 65 12.36 16.11 -15.01
C THR B 65 12.40 14.65 -14.62
N TRP B 66 13.14 14.36 -13.56
CA TRP B 66 13.29 12.99 -13.10
C TRP B 66 12.96 12.94 -11.62
N VAL B 67 12.28 11.87 -11.23
CA VAL B 67 11.93 11.64 -9.85
C VAL B 67 12.84 10.55 -9.32
N MET B 68 13.44 10.79 -8.16
CA MET B 68 14.28 9.84 -7.47
C MET B 68 13.50 9.34 -6.26
N SER B 69 13.14 8.06 -6.29
CA SER B 69 12.38 7.43 -5.22
C SER B 69 13.30 6.53 -4.42
N PHE B 70 13.33 6.75 -3.11
CA PHE B 70 14.22 6.03 -2.21
C PHE B 70 13.41 5.07 -1.37
N ASP B 71 13.52 3.77 -1.66
CA ASP B 71 12.84 2.76 -0.88
C ASP B 71 13.87 1.94 -0.12
N ALA B 72 13.77 1.95 1.21
CA ALA B 72 14.60 1.10 2.02
C ALA B 72 14.27 -0.37 1.84
N TYR B 73 13.06 -0.67 1.37
CA TYR B 73 12.59 -2.03 1.26
C TYR B 73 12.06 -2.27 -0.15
N ASN B 74 12.08 -3.54 -0.55
CA ASN B 74 11.87 -3.92 -1.94
C ASN B 74 10.40 -4.11 -2.28
N ARG B 75 9.51 -3.37 -1.62
CA ARG B 75 8.09 -3.46 -1.94
C ARG B 75 7.82 -3.17 -3.41
N ILE B 76 8.32 -2.04 -3.92
CA ILE B 76 7.96 -1.58 -5.27
C ILE B 76 8.97 -2.00 -6.32
N THR B 77 10.05 -2.69 -5.95
CA THR B 77 11.06 -3.04 -6.95
C THR B 77 10.49 -3.97 -8.02
N SER B 78 9.62 -4.89 -7.64
CA SER B 78 9.01 -5.77 -8.62
C SER B 78 7.94 -5.08 -9.45
N ARG B 79 7.28 -4.07 -8.89
CA ARG B 79 6.18 -3.42 -9.58
C ARG B 79 6.67 -2.52 -10.70
N ILE B 80 7.83 -1.90 -10.50
CA ILE B 80 8.20 -0.70 -11.22
C ILE B 80 9.00 -0.97 -12.49
N THR B 81 9.31 -2.22 -12.78
CA THR B 81 10.24 -2.53 -13.86
C THR B 81 9.66 -2.16 -15.23
N ALA B 82 8.34 -2.11 -15.35
CA ALA B 82 7.70 -1.85 -16.64
C ALA B 82 6.54 -0.91 -16.45
N SER B 83 6.53 0.20 -17.20
CA SER B 83 5.46 1.19 -17.17
C SER B 83 5.20 1.67 -15.73
N ALA B 84 6.21 2.35 -15.19
CA ALA B 84 6.17 2.79 -13.79
C ALA B 84 5.22 3.96 -13.66
N ASP B 85 4.07 3.73 -13.06
CA ASP B 85 3.10 4.80 -12.94
C ASP B 85 3.58 5.82 -11.92
N PRO B 86 3.02 7.02 -11.94
CA PRO B 86 3.47 8.04 -10.99
C PRO B 86 3.22 7.67 -9.55
N VAL B 87 2.13 6.98 -9.26
CA VAL B 87 1.74 6.74 -7.88
C VAL B 87 2.70 5.78 -7.19
N TYR B 88 3.21 4.78 -7.89
CA TYR B 88 4.15 3.86 -7.27
C TYR B 88 5.40 4.59 -6.82
N THR B 89 5.93 5.47 -7.67
CA THR B 89 7.20 6.13 -7.40
C THR B 89 7.06 7.45 -6.68
N LEU B 90 5.83 7.94 -6.49
CA LEU B 90 5.56 9.15 -5.72
C LEU B 90 4.93 8.87 -4.37
N SER B 91 4.70 7.61 -4.03
CA SER B 91 4.21 7.23 -2.72
C SER B 91 5.32 6.90 -1.74
N VAL B 92 6.57 6.93 -2.19
CA VAL B 92 7.74 6.67 -1.37
C VAL B 92 8.44 8.00 -1.20
N PRO B 93 9.19 8.23 -0.12
CA PRO B 93 9.93 9.49 -0.02
C PRO B 93 10.81 9.70 -1.23
N HIS B 94 10.62 10.84 -1.88
CA HIS B 94 11.14 11.06 -3.20
C HIS B 94 11.58 12.51 -3.36
N TRP B 95 12.49 12.73 -4.29
CA TRP B 95 12.98 14.07 -4.60
C TRP B 95 12.90 14.30 -6.09
N LEU B 96 12.33 15.44 -6.47
CA LEU B 96 12.27 15.84 -7.87
C LEU B 96 13.56 16.56 -8.25
N ILE B 97 14.14 16.15 -9.37
CA ILE B 97 15.31 16.83 -9.93
C ILE B 97 14.92 17.40 -11.28
N HIS B 98 15.19 18.68 -11.46
CA HIS B 98 14.75 19.44 -12.62
C HIS B 98 15.92 19.59 -13.59
N HIS B 99 15.65 19.33 -14.87
CA HIS B 99 16.71 19.34 -15.85
C HIS B 99 17.18 20.74 -16.17
N LYS B 100 16.32 21.72 -15.98
CA LYS B 100 16.72 23.11 -16.18
C LYS B 100 17.81 23.50 -15.20
N LEU B 101 17.60 23.24 -13.92
CA LEU B 101 18.65 23.32 -12.94
C LEU B 101 19.71 22.25 -13.22
N GLY B 102 20.84 22.36 -12.55
CA GLY B 102 21.92 21.42 -12.75
C GLY B 102 22.62 21.07 -11.46
N THR B 103 23.30 19.92 -11.49
CA THR B 103 23.98 19.35 -10.34
C THR B 103 23.09 19.40 -9.10
N PHE B 104 21.97 18.69 -9.19
CA PHE B 104 21.06 18.59 -8.06
C PHE B 104 21.68 17.76 -6.96
N SER B 105 21.75 18.34 -5.75
CA SER B 105 22.28 17.65 -4.59
C SER B 105 21.43 18.03 -3.39
N CYS B 106 20.74 17.05 -2.80
CA CYS B 106 20.00 17.26 -1.57
C CYS B 106 20.28 16.11 -0.63
N GLU B 107 20.62 16.45 0.61
CA GLU B 107 21.02 15.46 1.60
C GLU B 107 19.90 14.47 1.87
N ILE B 108 20.26 13.34 2.48
CA ILE B 108 19.31 12.48 3.14
C ILE B 108 19.87 12.08 4.49
N ASP B 109 19.01 12.11 5.50
CA ASP B 109 19.29 11.59 6.83
C ASP B 109 18.72 10.18 6.88
N TYR B 110 19.60 9.19 6.91
CA TYR B 110 19.15 7.82 7.02
C TYR B 110 18.66 7.48 8.41
N GLY B 111 18.76 8.42 9.34
CA GLY B 111 18.20 8.24 10.66
C GLY B 111 16.73 8.57 10.70
N GLU B 112 16.34 9.68 10.07
CA GLU B 112 14.95 10.09 10.08
C GLU B 112 14.12 9.37 9.03
N LEU B 113 14.73 9.02 7.90
CA LEU B 113 13.99 8.30 6.87
C LEU B 113 13.76 6.84 7.28
N CYS B 114 14.84 6.09 7.50
CA CYS B 114 14.74 4.65 7.69
C CYS B 114 14.86 4.20 9.14
N GLY B 115 15.35 5.04 10.03
CA GLY B 115 15.30 4.79 11.45
C GLY B 115 16.28 3.78 12.00
N HIS B 116 16.77 2.83 11.20
CA HIS B 116 17.61 1.76 11.72
C HIS B 116 18.98 1.79 11.06
N ALA B 117 20.01 1.87 11.88
CA ALA B 117 21.38 1.80 11.41
C ALA B 117 21.66 0.44 10.80
N MET B 118 22.59 0.41 9.86
CA MET B 118 22.75 -0.72 8.96
C MET B 118 24.06 -1.46 9.19
N TRP B 119 24.04 -2.75 8.91
CA TRP B 119 25.16 -3.66 9.09
C TRP B 119 26.05 -3.62 7.85
N PHE B 120 27.15 -4.36 7.87
CA PHE B 120 28.06 -4.44 6.72
C PHE B 120 28.12 -5.83 6.10
N LYS B 121 28.43 -6.86 6.88
CA LYS B 121 28.87 -8.13 6.31
C LYS B 121 27.84 -8.70 5.36
N SER B 122 26.57 -8.60 5.71
CA SER B 122 25.48 -8.93 4.81
C SER B 122 24.30 -8.04 5.17
N THR B 123 23.16 -8.30 4.56
CA THR B 123 21.98 -7.47 4.71
C THR B 123 20.95 -8.22 5.54
N THR B 124 20.55 -7.62 6.66
CA THR B 124 19.49 -8.19 7.49
C THR B 124 18.12 -7.87 6.89
N PHE B 125 17.91 -6.62 6.53
CA PHE B 125 16.75 -6.17 5.78
C PHE B 125 17.23 -5.71 4.41
N GLU B 126 16.34 -5.79 3.42
CA GLU B 126 16.76 -5.57 2.04
C GLU B 126 17.38 -4.18 1.89
N SER B 127 18.32 -4.08 0.96
CA SER B 127 19.19 -2.92 0.90
C SER B 127 18.40 -1.66 0.57
N PRO B 128 18.83 -0.51 1.09
CA PRO B 128 18.22 0.76 0.65
C PRO B 128 18.55 1.04 -0.80
N ARG B 129 17.50 1.18 -1.60
CA ARG B 129 17.64 1.31 -3.04
C ARG B 129 17.07 2.63 -3.52
N LEU B 130 17.51 3.03 -4.71
CA LEU B 130 17.07 4.26 -5.35
C LEU B 130 16.60 3.92 -6.76
N HIS B 131 15.39 4.37 -7.08
CA HIS B 131 14.78 4.20 -8.38
C HIS B 131 14.64 5.56 -9.06
N PHE B 132 15.02 5.64 -10.32
CA PHE B 132 14.91 6.87 -11.08
C PHE B 132 13.93 6.69 -12.22
N THR B 133 13.07 7.68 -12.44
CA THR B 133 12.21 7.63 -13.60
C THR B 133 11.97 9.01 -14.16
N CYS B 134 11.76 9.09 -15.48
CA CYS B 134 11.32 10.33 -16.08
C CYS B 134 9.89 10.58 -15.66
N LEU B 135 9.65 11.68 -14.94
CA LEU B 135 8.29 11.98 -14.52
C LEU B 135 7.51 12.59 -15.68
N THR B 136 8.17 13.43 -16.46
CA THR B 136 7.67 13.83 -17.77
C THR B 136 8.86 13.98 -18.70
N GLY B 137 8.62 13.77 -19.99
CA GLY B 137 9.68 13.60 -20.95
C GLY B 137 9.81 14.76 -21.90
N ASN B 138 10.83 14.66 -22.75
CA ASN B 138 11.13 15.71 -23.69
C ASN B 138 10.05 15.79 -24.75
N ASN B 139 9.90 16.98 -25.32
CA ASN B 139 8.95 17.15 -26.40
C ASN B 139 9.38 16.39 -27.64
N LYS B 140 10.66 16.48 -28.00
CA LYS B 140 11.20 15.84 -29.18
C LYS B 140 12.47 15.10 -28.82
N GLU B 141 12.95 14.29 -29.77
CA GLU B 141 14.10 13.43 -29.51
C GLU B 141 15.38 14.24 -29.33
N LEU B 142 16.32 13.66 -28.59
CA LEU B 142 17.63 14.25 -28.41
C LEU B 142 18.53 13.90 -29.58
N ALA B 143 19.82 14.22 -29.46
CA ALA B 143 20.78 13.91 -30.49
C ALA B 143 21.30 12.49 -30.35
N ALA B 144 21.66 12.08 -29.14
CA ALA B 144 22.12 10.73 -28.91
C ALA B 144 22.06 10.41 -27.43
N ASP B 145 22.11 9.12 -27.13
CA ASP B 145 21.98 8.63 -25.77
C ASP B 145 22.99 9.29 -24.86
N TRP B 146 22.61 9.46 -23.58
CA TRP B 146 23.53 10.12 -22.67
C TRP B 146 23.45 9.46 -21.30
N GLN B 147 24.08 10.10 -20.33
CA GLN B 147 24.50 9.45 -19.10
C GLN B 147 24.43 10.43 -17.96
N ALA B 148 24.38 9.89 -16.75
CA ALA B 148 24.51 10.74 -15.58
C ALA B 148 25.21 9.99 -14.46
N VAL B 149 26.11 10.68 -13.79
CA VAL B 149 26.84 10.14 -12.65
C VAL B 149 26.14 10.58 -11.37
N VAL B 150 26.05 9.67 -10.42
CA VAL B 150 25.49 9.94 -9.11
C VAL B 150 26.54 9.59 -8.07
N GLU B 151 26.80 10.51 -7.16
CA GLU B 151 27.82 10.39 -6.15
C GLU B 151 27.15 10.57 -4.80
N LEU B 152 27.71 9.98 -3.75
CA LEU B 152 27.17 10.20 -2.41
C LEU B 152 28.32 10.44 -1.45
N TYR B 153 28.32 11.62 -0.83
CA TYR B 153 29.38 12.01 0.09
C TYR B 153 28.90 11.72 1.50
N ALA B 154 29.69 10.94 2.23
CA ALA B 154 29.33 10.44 3.55
C ALA B 154 30.47 10.66 4.53
N GLU B 155 30.10 10.65 5.81
CA GLU B 155 31.03 10.58 6.94
C GLU B 155 30.50 9.52 7.88
N LEU B 156 31.37 8.58 8.27
CA LEU B 156 30.95 7.41 9.03
C LEU B 156 31.54 7.47 10.43
N GLU B 157 30.66 7.68 11.42
CA GLU B 157 30.99 7.50 12.81
C GLU B 157 30.02 6.51 13.42
N GLU B 158 30.49 5.82 14.46
CA GLU B 158 29.79 4.65 14.97
C GLU B 158 28.41 5.02 15.49
N ALA B 159 27.47 4.08 15.36
CA ALA B 159 26.11 4.25 15.82
C ALA B 159 25.96 3.60 17.19
N THR B 160 25.33 4.32 18.11
CA THR B 160 25.24 3.83 19.49
C THR B 160 24.18 2.75 19.63
N SER B 161 23.01 2.96 19.01
CA SER B 161 21.89 2.05 19.16
C SER B 161 21.36 1.66 17.78
N PHE B 162 20.67 0.53 17.74
CA PHE B 162 20.04 0.07 16.51
C PHE B 162 18.86 0.91 16.10
N LEU B 163 18.40 1.80 16.97
CA LEU B 163 17.18 2.57 16.75
C LEU B 163 17.47 4.05 16.91
N GLY B 164 17.08 4.83 15.91
CA GLY B 164 17.10 6.26 16.01
C GLY B 164 15.92 6.75 16.81
N LYS B 165 15.54 7.99 16.57
CA LYS B 165 14.31 8.51 17.13
C LYS B 165 13.11 7.87 16.42
N PRO B 166 12.03 7.61 17.14
CA PRO B 166 10.80 7.20 16.45
C PRO B 166 10.27 8.32 15.59
N THR B 167 9.84 7.97 14.39
CA THR B 167 9.34 9.00 13.47
C THR B 167 8.05 9.63 14.00
N LEU B 168 7.11 8.81 14.48
CA LEU B 168 5.92 9.35 15.11
C LEU B 168 5.44 8.42 16.21
N VAL B 169 4.99 9.01 17.31
CA VAL B 169 4.41 8.30 18.43
C VAL B 169 2.90 8.37 18.29
N PHE B 170 2.26 7.21 18.17
CA PHE B 170 0.85 7.15 17.86
C PHE B 170 -0.01 7.68 19.01
N ASP B 171 -0.95 8.56 18.67
CA ASP B 171 -1.94 9.07 19.59
C ASP B 171 -3.23 9.30 18.83
N PRO B 172 -4.37 9.39 19.50
CA PRO B 172 -5.64 9.51 18.76
C PRO B 172 -5.68 10.71 17.83
N GLY B 173 -5.46 11.92 18.33
CA GLY B 173 -5.23 13.05 17.47
C GLY B 173 -3.78 13.06 17.00
N VAL B 174 -3.53 12.63 15.77
CA VAL B 174 -2.17 12.52 15.25
C VAL B 174 -1.89 13.47 14.12
N PHE B 175 -2.90 14.13 13.57
CA PHE B 175 -2.75 14.95 12.37
C PHE B 175 -2.66 16.41 12.78
N ASN B 176 -1.48 16.99 12.61
CA ASN B 176 -1.23 18.38 12.97
C ASN B 176 -1.38 19.32 11.79
N GLY B 177 -1.70 18.81 10.60
CA GLY B 177 -1.80 19.63 9.42
C GLY B 177 -0.50 19.93 8.72
N LYS B 178 0.52 19.09 8.89
CA LYS B 178 1.80 19.28 8.23
C LYS B 178 2.17 18.03 7.44
N PHE B 179 2.61 18.24 6.20
CA PHE B 179 2.82 17.15 5.27
C PHE B 179 4.28 17.02 4.87
N GLN B 180 4.68 15.79 4.61
CA GLN B 180 5.98 15.46 4.03
C GLN B 180 5.75 14.68 2.75
N PHE B 181 6.34 15.15 1.65
CA PHE B 181 6.43 14.37 0.43
C PHE B 181 5.06 14.09 -0.17
N LEU B 182 4.20 15.09 -0.22
CA LEU B 182 2.88 14.96 -0.85
C LEU B 182 2.92 15.66 -2.20
N THR B 183 2.95 14.88 -3.28
CA THR B 183 2.87 15.42 -4.62
C THR B 183 1.97 14.52 -5.45
N CYS B 184 1.50 15.07 -6.56
CA CYS B 184 0.45 14.46 -7.36
C CYS B 184 0.97 14.04 -8.74
N PRO B 185 0.26 13.16 -9.43
CA PRO B 185 0.62 12.88 -10.81
C PRO B 185 0.58 14.13 -11.64
N PRO B 186 1.35 14.18 -12.73
CA PRO B 186 1.36 15.38 -13.57
C PRO B 186 0.01 15.67 -14.21
N ILE B 187 -0.48 16.88 -13.99
CA ILE B 187 -1.60 17.40 -14.76
C ILE B 187 -1.07 17.82 -16.13
N PHE B 188 -1.83 17.56 -17.18
CA PHE B 188 -1.38 17.83 -18.54
C PHE B 188 -2.32 18.80 -19.21
N PHE B 189 -1.80 19.92 -19.69
CA PHE B 189 -2.53 20.84 -20.53
C PHE B 189 -2.11 20.62 -21.99
N ASP B 190 -3.08 20.36 -22.85
CA ASP B 190 -2.79 20.26 -24.28
C ASP B 190 -2.75 21.63 -24.92
N LEU B 191 -2.07 21.70 -26.07
CA LEU B 191 -1.82 22.98 -26.73
C LEU B 191 -2.96 23.41 -27.64
N THR B 192 -3.71 22.46 -28.19
CA THR B 192 -4.66 22.80 -29.25
C THR B 192 -5.83 23.62 -28.71
N ALA B 193 -6.34 23.27 -27.54
CA ALA B 193 -7.55 23.90 -27.04
C ALA B 193 -7.31 25.37 -26.70
N VAL B 194 -8.28 26.21 -27.06
CA VAL B 194 -8.16 27.64 -26.80
C VAL B 194 -8.25 27.92 -25.31
N THR B 195 -9.03 27.13 -24.58
CA THR B 195 -9.10 27.20 -23.14
C THR B 195 -9.15 25.80 -22.59
N ALA B 196 -8.85 25.66 -21.31
CA ALA B 196 -8.76 24.34 -20.71
C ALA B 196 -9.07 24.42 -19.24
N LEU B 197 -9.76 23.39 -18.74
CA LEU B 197 -10.07 23.24 -17.33
C LEU B 197 -9.47 21.93 -16.87
N ARG B 198 -8.73 21.97 -15.76
CA ARG B 198 -8.22 20.78 -15.12
C ARG B 198 -8.59 20.83 -13.65
N SER B 199 -8.75 19.67 -13.06
CA SER B 199 -9.27 19.56 -11.71
C SER B 199 -8.39 18.64 -10.90
N ALA B 200 -8.01 19.08 -9.71
CA ALA B 200 -7.30 18.25 -8.75
C ALA B 200 -8.23 17.95 -7.59
N GLY B 201 -8.32 16.67 -7.26
CA GLY B 201 -9.13 16.26 -6.13
C GLY B 201 -8.49 16.68 -4.83
N LEU B 202 -9.27 17.31 -3.97
CA LEU B 202 -8.78 17.85 -2.72
C LEU B 202 -9.14 16.98 -1.52
N THR B 203 -9.78 15.85 -1.72
CA THR B 203 -10.14 14.96 -0.62
C THR B 203 -9.01 13.97 -0.45
N LEU B 204 -8.08 14.30 0.43
CA LEU B 204 -6.96 13.43 0.73
C LEU B 204 -7.40 12.32 1.68
N GLY B 205 -6.72 11.20 1.59
CA GLY B 205 -7.03 10.04 2.38
C GLY B 205 -7.86 9.00 1.69
N GLN B 206 -7.87 8.99 0.36
CA GLN B 206 -8.66 8.03 -0.41
C GLN B 206 -7.82 6.92 -1.02
N VAL B 207 -6.63 6.66 -0.50
CA VAL B 207 -5.78 5.54 -0.88
C VAL B 207 -5.61 5.47 -2.39
N PRO B 208 -4.78 6.33 -2.97
CA PRO B 208 -4.70 6.46 -4.43
C PRO B 208 -4.36 5.14 -5.11
N MET B 209 -5.05 4.86 -6.21
CA MET B 209 -4.90 3.61 -6.93
C MET B 209 -4.82 3.85 -8.43
N VAL B 210 -4.03 2.99 -9.10
CA VAL B 210 -3.87 3.07 -10.55
C VAL B 210 -5.17 2.73 -11.26
N GLY B 211 -5.98 1.86 -10.68
CA GLY B 211 -7.16 1.36 -11.35
C GLY B 211 -7.41 -0.11 -11.04
N THR B 212 -6.34 -0.85 -10.76
CA THR B 212 -6.47 -2.25 -10.40
C THR B 212 -6.02 -2.54 -8.98
N THR B 213 -4.85 -2.06 -8.57
CA THR B 213 -4.29 -2.38 -7.27
C THR B 213 -4.06 -1.10 -6.49
N LYS B 214 -4.60 -1.05 -5.28
CA LYS B 214 -4.49 0.16 -4.49
C LYS B 214 -3.06 0.32 -3.97
N VAL B 215 -2.83 1.46 -3.33
CA VAL B 215 -1.52 1.81 -2.80
C VAL B 215 -1.74 2.59 -1.53
N TYR B 216 -1.23 2.08 -0.42
CA TYR B 216 -1.34 2.76 0.86
C TYR B 216 -0.09 3.58 1.10
N ASN B 217 -0.26 4.89 1.25
CA ASN B 217 0.82 5.78 1.60
C ASN B 217 0.45 6.54 2.85
N LEU B 218 1.48 7.03 3.54
CA LEU B 218 1.31 7.55 4.88
C LEU B 218 0.50 8.83 4.94
N ASN B 219 0.50 9.63 3.87
CA ASN B 219 -0.26 10.87 3.88
C ASN B 219 -1.75 10.60 3.84
N SER B 220 -2.16 9.56 3.12
CA SER B 220 -3.56 9.21 3.04
C SER B 220 -4.08 8.70 4.37
N THR B 221 -3.35 7.78 5.00
CA THR B 221 -3.77 7.26 6.29
C THR B 221 -3.71 8.32 7.38
N LEU B 222 -2.80 9.27 7.26
CA LEU B 222 -2.71 10.32 8.26
C LEU B 222 -3.86 11.30 8.13
N VAL B 223 -4.37 11.49 6.92
CA VAL B 223 -5.55 12.33 6.77
C VAL B 223 -6.81 11.55 7.15
N SER B 224 -6.80 10.22 7.02
CA SER B 224 -8.02 9.47 7.26
C SER B 224 -8.42 9.43 8.72
N CYS B 225 -7.63 10.00 9.62
CA CYS B 225 -8.00 9.99 11.04
C CYS B 225 -9.14 10.96 11.32
N VAL B 226 -9.02 12.19 10.83
CA VAL B 226 -10.02 13.21 11.11
C VAL B 226 -11.20 13.04 10.16
N LEU B 227 -12.33 13.62 10.56
CA LEU B 227 -13.54 13.67 9.74
C LEU B 227 -13.58 15.01 9.03
N GLY B 228 -13.03 15.07 7.83
CA GLY B 228 -12.98 16.31 7.11
C GLY B 228 -11.85 17.21 7.59
N MET B 229 -11.54 18.20 6.75
CA MET B 229 -10.35 19.02 6.91
C MET B 229 -10.69 20.49 6.76
N GLY B 230 -9.77 21.32 7.21
CA GLY B 230 -9.97 22.76 7.24
C GLY B 230 -9.71 23.42 5.90
N GLY B 231 -9.33 24.70 5.97
CA GLY B 231 -9.10 25.52 4.80
C GLY B 231 -7.66 25.95 4.61
N THR B 232 -7.47 26.73 3.55
CA THR B 232 -6.22 27.43 3.25
C THR B 232 -5.04 26.46 3.11
N VAL B 233 -5.11 25.68 2.04
CA VAL B 233 -3.98 24.89 1.61
C VAL B 233 -2.96 25.80 0.92
N ARG B 234 -1.68 25.44 1.05
CA ARG B 234 -0.60 26.18 0.39
C ARG B 234 0.37 25.22 -0.27
N GLY B 235 0.51 25.37 -1.59
CA GLY B 235 1.40 24.51 -2.34
C GLY B 235 1.97 25.27 -3.51
N ARG B 236 3.08 24.74 -4.01
CA ARG B 236 3.79 25.38 -5.10
C ARG B 236 3.72 24.52 -6.35
N VAL B 237 3.65 25.20 -7.48
CA VAL B 237 3.63 24.55 -8.78
C VAL B 237 5.04 24.52 -9.33
N HIS B 238 5.38 23.44 -10.03
CA HIS B 238 6.58 23.34 -10.81
C HIS B 238 6.14 23.12 -12.26
N ILE B 239 6.58 24.01 -13.12
CA ILE B 239 6.26 23.98 -14.54
C ILE B 239 7.39 23.23 -15.24
N CYS B 240 7.13 21.98 -15.61
CA CYS B 240 8.11 21.19 -16.32
C CYS B 240 7.85 21.42 -17.80
N ALA B 241 8.63 22.32 -18.39
CA ALA B 241 8.41 22.73 -19.76
C ALA B 241 9.72 23.24 -20.32
N PRO B 242 9.88 23.23 -21.64
CA PRO B 242 11.03 23.90 -22.23
C PRO B 242 10.97 25.38 -21.96
N ILE B 243 11.97 26.13 -22.45
CA ILE B 243 11.98 27.56 -22.21
C ILE B 243 10.99 28.30 -23.11
N PHE B 244 10.58 27.71 -24.23
CA PHE B 244 9.70 28.40 -25.17
C PHE B 244 8.23 28.03 -25.02
N TYR B 245 7.88 27.09 -24.15
CA TYR B 245 6.50 26.93 -23.76
C TYR B 245 6.14 27.93 -22.68
N SER B 246 4.94 28.49 -22.77
CA SER B 246 4.49 29.47 -21.81
C SER B 246 2.99 29.33 -21.61
N ILE B 247 2.56 29.56 -20.38
CA ILE B 247 1.15 29.44 -20.01
C ILE B 247 0.95 30.26 -18.75
N VAL B 248 -0.29 30.71 -18.56
CA VAL B 248 -0.70 31.43 -17.36
C VAL B 248 -2.06 30.90 -16.97
N LEU B 249 -2.26 30.65 -15.67
CA LEU B 249 -3.46 29.92 -15.29
C LEU B 249 -3.97 30.38 -13.93
N TRP B 250 -5.29 30.32 -13.82
CA TRP B 250 -6.07 30.84 -12.70
C TRP B 250 -6.54 29.67 -11.85
N VAL B 251 -6.35 29.79 -10.54
CA VAL B 251 -6.51 28.68 -9.61
C VAL B 251 -7.56 29.05 -8.59
N VAL B 252 -8.63 28.27 -8.54
CA VAL B 252 -9.72 28.50 -7.61
C VAL B 252 -10.17 27.17 -7.02
N SER B 253 -11.06 27.24 -6.04
CA SER B 253 -11.66 26.06 -5.45
C SER B 253 -13.16 26.04 -5.74
N GLU B 254 -13.69 24.85 -6.02
CA GLU B 254 -15.01 24.70 -6.59
C GLU B 254 -15.79 23.63 -5.86
N TRP B 255 -17.05 23.95 -5.57
CA TRP B 255 -18.03 23.06 -4.96
C TRP B 255 -19.40 23.42 -5.52
N ASN B 256 -20.10 22.47 -6.16
CA ASN B 256 -19.64 21.17 -6.59
C ASN B 256 -19.12 21.24 -8.01
N GLY B 257 -19.54 22.27 -8.72
CA GLY B 257 -19.46 22.27 -10.17
C GLY B 257 -19.13 23.64 -10.71
N THR B 258 -18.58 23.63 -11.92
CA THR B 258 -18.03 24.84 -12.52
C THR B 258 -19.13 25.71 -13.12
N THR B 259 -19.08 27.00 -12.81
CA THR B 259 -19.89 27.98 -13.50
C THR B 259 -19.49 28.02 -14.97
N MET B 260 -20.48 27.93 -15.86
CA MET B 260 -20.17 27.77 -17.27
C MET B 260 -19.54 29.04 -17.85
N ASP B 261 -20.14 30.19 -17.60
CA ASP B 261 -19.68 31.45 -18.19
C ASP B 261 -18.73 32.15 -17.22
N TRP B 262 -17.73 32.82 -17.78
CA TRP B 262 -16.55 33.20 -17.01
C TRP B 262 -16.74 34.46 -16.19
N ASN B 263 -17.63 35.37 -16.60
CA ASN B 263 -17.78 36.60 -15.85
C ASN B 263 -18.47 36.40 -14.51
N GLU B 264 -18.96 35.19 -14.23
CA GLU B 264 -19.35 34.84 -12.87
C GLU B 264 -18.18 34.24 -12.11
N LEU B 265 -17.22 33.68 -12.83
CA LEU B 265 -16.16 32.88 -12.22
C LEU B 265 -15.04 33.72 -11.64
N PHE B 266 -14.71 34.86 -12.25
CA PHE B 266 -13.59 35.65 -11.78
C PHE B 266 -13.88 36.36 -10.48
N LYS B 267 -15.09 36.28 -9.97
CA LYS B 267 -15.39 36.93 -8.70
C LYS B 267 -14.82 36.16 -7.52
N TYR B 268 -14.61 34.85 -7.68
CA TYR B 268 -14.15 34.04 -6.58
C TYR B 268 -12.72 34.42 -6.19
N PRO B 269 -12.33 34.16 -4.94
CA PRO B 269 -10.92 34.32 -4.58
C PRO B 269 -10.09 33.24 -5.23
N GLY B 270 -8.98 33.65 -5.83
CA GLY B 270 -8.10 32.69 -6.47
C GLY B 270 -6.81 33.36 -6.86
N VAL B 271 -5.84 32.53 -7.20
CA VAL B 271 -4.47 32.97 -7.44
C VAL B 271 -4.17 32.81 -8.93
N TYR B 272 -3.50 33.80 -9.50
CA TYR B 272 -2.92 33.68 -10.82
C TYR B 272 -1.50 33.18 -10.67
N VAL B 273 -1.10 32.26 -11.54
CA VAL B 273 0.28 31.80 -11.53
C VAL B 273 0.73 31.62 -12.98
N GLU B 274 1.79 32.33 -13.36
CA GLU B 274 2.41 32.24 -14.67
C GLU B 274 3.84 31.68 -14.64
N GLU B 275 4.40 31.41 -13.46
CA GLU B 275 5.77 30.92 -13.34
C GLU B 275 5.78 29.81 -12.29
N ASP B 276 6.97 29.29 -12.02
CA ASP B 276 7.14 28.26 -11.01
C ASP B 276 7.32 28.93 -9.66
N GLY B 277 6.26 28.91 -8.86
CA GLY B 277 6.22 29.66 -7.64
C GLY B 277 4.93 29.38 -6.91
N SER B 278 4.95 29.66 -5.61
CA SER B 278 3.93 29.15 -4.72
C SER B 278 2.59 29.81 -4.98
N PHE B 279 1.54 29.10 -4.56
CA PHE B 279 0.20 29.63 -4.43
C PHE B 279 -0.33 29.26 -3.05
N GLU B 280 -1.32 30.04 -2.60
CA GLU B 280 -2.01 29.81 -1.35
C GLU B 280 -3.50 30.05 -1.59
N VAL B 281 -4.28 28.99 -1.45
CA VAL B 281 -5.69 29.00 -1.81
C VAL B 281 -6.48 28.45 -0.63
N LYS B 282 -7.63 29.06 -0.35
CA LYS B 282 -8.44 28.63 0.79
C LYS B 282 -9.64 27.84 0.31
N ILE B 283 -9.91 26.76 1.02
CA ILE B 283 -10.82 25.71 0.57
C ILE B 283 -12.25 26.17 0.79
N ARG B 284 -13.05 26.13 -0.27
CA ARG B 284 -14.40 26.66 -0.27
C ARG B 284 -15.39 25.53 -0.04
N SER B 285 -16.13 25.61 1.07
CA SER B 285 -17.10 24.61 1.43
C SER B 285 -18.40 25.27 1.90
N PRO B 286 -19.55 24.69 1.55
CA PRO B 286 -20.80 25.16 2.17
C PRO B 286 -20.80 24.98 3.66
N TYR B 287 -20.13 23.94 4.14
CA TYR B 287 -20.06 23.61 5.55
C TYR B 287 -18.75 24.09 6.17
N HIS B 288 -17.95 24.82 5.41
CA HIS B 288 -16.62 25.33 5.77
C HIS B 288 -15.58 24.24 5.86
N ARG B 289 -15.93 22.98 5.58
CA ARG B 289 -14.99 21.88 5.61
C ARG B 289 -15.26 20.96 4.43
N THR B 290 -14.33 20.03 4.19
CA THR B 290 -14.47 19.02 3.16
C THR B 290 -14.32 17.64 3.77
N PRO B 291 -15.14 16.66 3.39
CA PRO B 291 -15.23 15.44 4.17
C PRO B 291 -13.93 14.66 4.29
N ALA B 292 -13.09 14.69 3.28
CA ALA B 292 -11.81 14.00 3.16
C ALA B 292 -11.96 12.53 2.80
N ARG B 293 -13.17 12.00 2.71
CA ARG B 293 -13.39 10.68 2.16
C ARG B 293 -14.77 10.63 1.53
N LEU B 294 -15.00 9.58 0.76
CA LEU B 294 -16.23 9.45 0.00
C LEU B 294 -17.04 8.27 0.46
N LEU B 295 -18.35 8.37 0.25
CA LEU B 295 -19.29 7.35 0.69
C LEU B 295 -19.52 6.35 -0.43
N ALA B 296 -20.48 5.45 -0.24
CA ALA B 296 -20.61 4.31 -1.12
C ALA B 296 -21.22 4.69 -2.47
N GLY B 297 -22.13 5.65 -2.48
CA GLY B 297 -22.83 6.01 -3.70
C GLY B 297 -22.38 7.31 -4.33
N GLN B 298 -21.10 7.66 -4.21
CA GLN B 298 -20.66 9.02 -4.50
C GLN B 298 -19.47 9.04 -5.44
N SER B 299 -19.33 10.16 -6.14
CA SER B 299 -18.23 10.44 -7.04
C SER B 299 -17.19 11.30 -6.33
N GLN B 300 -16.10 11.60 -7.02
CA GLN B 300 -15.01 12.36 -6.42
C GLN B 300 -15.07 13.85 -6.70
N ARG B 301 -15.80 14.28 -7.71
CA ARG B 301 -15.89 15.70 -7.99
C ARG B 301 -17.02 16.37 -7.24
N ASP B 302 -17.96 15.59 -6.71
CA ASP B 302 -19.09 16.19 -5.99
C ASP B 302 -18.62 16.99 -4.79
N MET B 303 -17.47 16.67 -4.25
CA MET B 303 -16.92 17.38 -3.10
C MET B 303 -16.04 18.53 -3.58
N SER B 304 -15.32 19.15 -2.67
CA SER B 304 -14.48 20.27 -3.02
C SER B 304 -13.33 19.80 -3.90
N SER B 305 -13.00 20.60 -4.91
CA SER B 305 -11.85 20.29 -5.72
C SER B 305 -11.25 21.58 -6.23
N LEU B 306 -9.92 21.62 -6.33
CA LEU B 306 -9.26 22.83 -6.74
C LEU B 306 -8.91 22.76 -8.22
N ASN B 307 -9.21 23.84 -8.92
CA ASN B 307 -9.31 23.83 -10.36
C ASN B 307 -8.34 24.84 -10.97
N PHE B 308 -7.76 24.40 -12.09
CA PHE B 308 -6.81 25.16 -12.88
C PHE B 308 -7.47 25.49 -14.21
N TYR B 309 -7.63 26.77 -14.48
CA TYR B 309 -8.15 27.24 -15.76
C TYR B 309 -7.02 27.92 -16.52
N ALA B 310 -7.05 27.83 -17.83
CA ALA B 310 -6.09 28.55 -18.66
C ALA B 310 -6.79 29.75 -19.28
N ILE B 311 -6.57 30.92 -18.69
CA ILE B 311 -7.20 32.13 -19.21
C ILE B 311 -6.49 32.62 -20.46
N ALA B 312 -5.17 32.57 -20.47
CA ALA B 312 -4.39 32.79 -21.68
C ALA B 312 -3.64 31.51 -21.98
N GLY B 313 -3.94 30.89 -23.10
CA GLY B 313 -3.61 29.52 -23.32
C GLY B 313 -2.14 29.27 -23.31
N PRO B 314 -1.77 27.99 -23.28
CA PRO B 314 -0.37 27.62 -23.46
C PRO B 314 -0.01 27.93 -24.90
N ILE B 315 1.01 28.74 -25.09
CA ILE B 315 1.33 29.12 -26.46
C ILE B 315 2.46 28.23 -26.91
N ALA B 316 2.67 28.18 -28.21
CA ALA B 316 3.63 27.26 -28.77
C ALA B 316 4.32 27.94 -29.93
N PRO B 317 5.57 27.65 -30.14
CA PRO B 317 6.20 28.00 -31.40
C PRO B 317 5.89 26.94 -32.46
N SER B 318 6.57 27.04 -33.60
CA SER B 318 6.08 26.42 -34.82
C SER B 318 5.99 24.89 -34.73
N GLY B 319 6.85 24.25 -33.94
CA GLY B 319 7.05 22.82 -34.12
C GLY B 319 6.52 21.81 -33.12
N GLU B 320 5.93 22.23 -32.00
CA GLU B 320 5.68 21.31 -30.89
C GLU B 320 4.27 20.75 -30.94
N THR B 321 4.17 19.42 -30.91
CA THR B 321 2.91 18.71 -30.75
C THR B 321 2.78 18.07 -29.37
N ALA B 322 3.70 18.33 -28.45
CA ALA B 322 3.75 17.66 -27.17
C ALA B 322 3.07 18.50 -26.09
N GLN B 323 2.44 17.82 -25.14
CA GLN B 323 1.65 18.49 -24.12
C GLN B 323 2.53 19.12 -23.06
N LEU B 324 1.95 20.07 -22.33
CA LEU B 324 2.67 20.83 -21.32
C LEU B 324 2.28 20.34 -19.93
N PRO B 325 3.20 19.74 -19.17
CA PRO B 325 2.85 19.24 -17.84
C PRO B 325 3.03 20.27 -16.74
N ILE B 326 2.13 20.21 -15.78
CA ILE B 326 2.16 20.99 -14.55
C ILE B 326 2.14 20.00 -13.40
N VAL B 327 3.05 20.16 -12.44
CA VAL B 327 3.02 19.34 -11.24
C VAL B 327 2.91 20.25 -10.04
N VAL B 328 2.09 19.86 -9.08
CA VAL B 328 1.89 20.65 -7.87
C VAL B 328 2.33 19.84 -6.67
N GLN B 329 2.84 20.53 -5.66
CA GLN B 329 3.16 19.87 -4.41
C GLN B 329 2.70 20.74 -3.26
N ILE B 330 2.07 20.11 -2.28
CA ILE B 330 1.47 20.79 -1.14
C ILE B 330 2.47 20.73 0.00
N ASP B 331 2.96 21.88 0.45
CA ASP B 331 3.93 21.81 1.53
C ASP B 331 3.24 21.70 2.87
N GLU B 332 2.09 22.36 3.00
CA GLU B 332 1.53 22.67 4.28
C GLU B 332 0.06 23.01 4.10
N ILE B 333 -0.70 22.87 5.18
CA ILE B 333 -2.01 23.46 5.29
C ILE B 333 -1.96 24.46 6.45
N VAL B 334 -2.53 25.64 6.25
CA VAL B 334 -2.40 26.73 7.19
C VAL B 334 -3.80 27.20 7.57
N ARG B 335 -3.87 27.92 8.69
CA ARG B 335 -5.13 28.29 9.31
C ARG B 335 -6.04 27.08 9.46
N PRO B 336 -5.55 25.99 10.03
CA PRO B 336 -6.34 24.76 10.07
C PRO B 336 -7.43 24.86 11.14
N ASP B 337 -8.65 24.52 10.75
CA ASP B 337 -9.71 24.21 11.70
C ASP B 337 -10.15 22.79 11.39
N LEU B 338 -9.62 21.85 12.16
CA LEU B 338 -9.86 20.43 11.92
C LEU B 338 -11.07 19.97 12.69
N SER B 339 -11.79 19.03 12.11
CA SER B 339 -13.02 18.54 12.71
C SER B 339 -12.69 17.45 13.71
N LEU B 340 -13.71 16.76 14.20
CA LEU B 340 -13.50 15.77 15.24
C LEU B 340 -12.70 14.59 14.70
N PRO B 341 -11.77 14.05 15.48
CA PRO B 341 -11.10 12.83 15.05
C PRO B 341 -12.07 11.67 14.98
N SER B 342 -11.82 10.78 14.03
CA SER B 342 -12.77 9.71 13.78
C SER B 342 -12.93 8.83 15.00
N PHE B 343 -11.81 8.35 15.54
CA PHE B 343 -11.81 7.36 16.60
C PHE B 343 -11.24 7.97 17.88
N GLU B 344 -11.92 7.71 18.98
CA GLU B 344 -11.48 8.16 20.29
C GLU B 344 -10.52 7.14 20.89
N ASP B 345 -10.20 7.29 22.16
CA ASP B 345 -9.27 6.40 22.84
C ASP B 345 -9.87 5.04 23.15
N ASP B 346 -11.11 4.79 22.75
CA ASP B 346 -11.69 3.47 22.89
C ASP B 346 -10.98 2.48 21.99
N TYR B 347 -11.19 1.19 22.27
CA TYR B 347 -10.49 0.15 21.55
C TYR B 347 -10.93 0.12 20.10
N PHE B 348 -10.18 -0.60 19.27
CA PHE B 348 -10.57 -0.88 17.91
C PHE B 348 -10.38 -2.35 17.60
N VAL B 349 -11.31 -2.89 16.82
CA VAL B 349 -11.30 -4.31 16.50
C VAL B 349 -10.07 -4.65 15.71
N TRP B 350 -9.47 -5.80 16.00
CA TRP B 350 -8.18 -6.17 15.42
C TRP B 350 -8.27 -7.40 14.53
N VAL B 351 -8.81 -8.50 15.04
CA VAL B 351 -8.98 -9.71 14.26
C VAL B 351 -10.16 -10.46 14.82
N ASP B 352 -10.85 -11.20 13.96
CA ASP B 352 -12.02 -11.97 14.38
C ASP B 352 -12.01 -13.33 13.71
N PHE B 353 -12.07 -14.37 14.53
CA PHE B 353 -12.10 -15.75 14.08
C PHE B 353 -13.54 -16.25 14.04
N SER B 354 -13.90 -16.93 12.96
CA SER B 354 -15.22 -17.53 12.90
C SER B 354 -15.20 -18.75 11.98
N GLU B 355 -16.35 -19.42 11.91
CA GLU B 355 -16.54 -20.64 11.17
C GLU B 355 -15.45 -21.67 11.48
N PHE B 356 -15.41 -22.07 12.75
CA PHE B 356 -14.56 -23.18 13.14
C PHE B 356 -15.15 -24.48 12.59
N THR B 357 -14.35 -25.21 11.81
CA THR B 357 -14.78 -26.46 11.22
C THR B 357 -14.15 -27.68 11.87
N LEU B 358 -13.18 -27.49 12.76
CA LEU B 358 -12.44 -28.60 13.35
C LEU B 358 -12.16 -28.27 14.81
N ASP B 359 -12.45 -29.21 15.69
CA ASP B 359 -12.49 -28.94 17.13
C ASP B 359 -11.12 -29.14 17.75
N LYS B 360 -11.01 -28.75 19.02
CA LYS B 360 -9.74 -28.81 19.73
C LYS B 360 -8.67 -28.07 18.95
N GLU B 361 -8.97 -26.82 18.63
CA GLU B 361 -8.21 -26.03 17.69
C GLU B 361 -7.37 -25.00 18.42
N GLU B 362 -6.20 -24.70 17.85
CA GLU B 362 -5.36 -23.61 18.31
C GLU B 362 -5.17 -22.61 17.18
N ILE B 363 -4.79 -21.40 17.58
CA ILE B 363 -4.40 -20.34 16.67
C ILE B 363 -3.16 -19.69 17.28
N GLU B 364 -2.16 -19.43 16.45
CA GLU B 364 -0.91 -18.88 16.93
C GLU B 364 -0.79 -17.44 16.46
N ILE B 365 -0.56 -16.53 17.41
CA ILE B 365 -0.31 -15.15 17.07
C ILE B 365 1.19 -14.89 17.12
N GLY B 366 1.78 -15.02 18.30
CA GLY B 366 3.18 -14.72 18.47
C GLY B 366 3.42 -13.26 18.80
N SER B 367 4.58 -12.75 18.42
CA SER B 367 4.90 -11.34 18.59
C SER B 367 4.47 -10.49 17.41
N ARG B 368 4.20 -11.11 16.26
CA ARG B 368 3.79 -10.39 15.08
C ARG B 368 2.40 -9.79 15.28
N PHE B 369 2.11 -8.72 14.53
CA PHE B 369 0.81 -8.08 14.61
C PHE B 369 -0.21 -8.77 13.70
N PHE B 370 0.21 -9.16 12.51
CA PHE B 370 -0.69 -9.78 11.53
C PHE B 370 -0.10 -11.08 11.01
N ASP B 371 -0.67 -11.61 9.92
CA ASP B 371 -0.18 -12.82 9.30
C ASP B 371 -0.34 -14.04 10.21
N PHE B 372 -1.58 -14.38 10.52
CA PHE B 372 -1.92 -15.50 11.40
C PHE B 372 -2.03 -16.84 10.68
N THR B 373 -2.66 -16.86 9.49
CA THR B 373 -2.69 -18.05 8.64
C THR B 373 -3.30 -19.25 9.37
N SER B 374 -4.54 -19.09 9.82
CA SER B 374 -5.28 -20.18 10.45
C SER B 374 -5.96 -21.00 9.37
N ASN B 375 -5.64 -22.29 9.31
CA ASN B 375 -6.06 -23.13 8.19
C ASN B 375 -7.33 -23.92 8.48
N THR B 376 -7.75 -24.01 9.74
CA THR B 376 -8.97 -24.71 10.10
C THR B 376 -10.12 -23.79 10.46
N CYS B 377 -9.93 -22.48 10.34
CA CYS B 377 -10.98 -21.52 10.65
C CYS B 377 -10.75 -20.26 9.85
N ARG B 378 -11.84 -19.54 9.56
CA ARG B 378 -11.69 -18.34 8.76
C ARG B 378 -11.40 -17.17 9.68
N VAL B 379 -10.66 -16.20 9.15
CA VAL B 379 -10.20 -15.05 9.89
C VAL B 379 -10.56 -13.79 9.12
N SER B 380 -10.70 -12.70 9.86
CA SER B 380 -10.92 -11.40 9.23
C SER B 380 -10.19 -10.33 10.03
N MET B 381 -9.99 -9.19 9.38
CA MET B 381 -9.08 -8.14 9.85
C MET B 381 -9.78 -6.79 9.73
N GLY B 382 -9.15 -5.77 10.33
CA GLY B 382 -9.71 -4.44 10.35
C GLY B 382 -9.16 -3.52 9.27
N GLU B 383 -10.01 -2.60 8.84
CA GLU B 383 -9.66 -1.56 7.88
C GLU B 383 -9.02 -0.35 8.53
N ASN B 384 -9.06 -0.26 9.86
CA ASN B 384 -8.75 0.91 10.66
C ASN B 384 -7.43 1.57 10.28
N PRO B 385 -7.26 2.87 10.58
CA PRO B 385 -6.03 3.57 10.18
C PRO B 385 -4.79 3.15 10.95
N PHE B 386 -4.93 2.58 12.14
CA PHE B 386 -3.75 2.14 12.87
C PHE B 386 -3.09 0.96 12.19
N ALA B 387 -3.87 -0.06 11.86
CA ALA B 387 -3.34 -1.16 11.05
C ALA B 387 -2.86 -0.70 9.69
N ALA B 388 -3.21 0.52 9.28
CA ALA B 388 -2.63 1.08 8.08
C ALA B 388 -1.26 1.69 8.35
N MET B 389 -1.08 2.31 9.52
CA MET B 389 0.22 2.81 9.88
C MET B 389 1.20 1.69 10.14
N ILE B 390 0.69 0.49 10.40
CA ILE B 390 1.59 -0.64 10.54
C ILE B 390 2.08 -1.12 9.18
N ALA B 391 1.24 -1.01 8.15
CA ALA B 391 1.63 -1.48 6.83
C ALA B 391 2.46 -0.45 6.07
N CYS B 392 2.24 0.84 6.32
CA CYS B 392 3.04 1.85 5.66
C CYS B 392 4.47 1.87 6.19
N HIS B 393 4.64 1.91 7.50
CA HIS B 393 5.95 2.05 8.09
C HIS B 393 6.71 0.73 8.07
N GLY B 394 8.02 0.83 8.12
CA GLY B 394 8.88 -0.33 7.96
C GLY B 394 9.01 -1.17 9.20
N LEU B 395 9.35 -0.54 10.32
CA LEU B 395 9.47 -1.20 11.60
C LEU B 395 8.48 -0.58 12.57
N HIS B 396 7.83 -1.40 13.38
CA HIS B 396 6.90 -0.92 14.38
C HIS B 396 7.18 -1.58 15.72
N SER B 397 7.03 -0.82 16.81
CA SER B 397 7.28 -1.35 18.13
C SER B 397 6.19 -0.95 19.10
N GLY B 398 6.04 -1.75 20.15
CA GLY B 398 5.23 -1.34 21.28
C GLY B 398 4.60 -2.52 22.00
N VAL B 399 3.70 -2.18 22.91
CA VAL B 399 2.88 -3.14 23.63
C VAL B 399 1.43 -2.70 23.50
N LEU B 400 0.55 -3.66 23.28
CA LEU B 400 -0.86 -3.37 23.06
C LEU B 400 -1.72 -4.30 23.91
N ASP B 401 -2.71 -3.73 24.57
CA ASP B 401 -3.61 -4.47 25.42
C ASP B 401 -4.66 -5.19 24.58
N LEU B 402 -5.33 -6.15 25.19
CA LEU B 402 -6.29 -6.99 24.49
C LEU B 402 -7.58 -7.09 25.28
N LYS B 403 -8.61 -7.55 24.58
CA LYS B 403 -9.83 -8.07 25.15
C LYS B 403 -10.27 -9.24 24.29
N LEU B 404 -11.02 -10.14 24.88
CA LEU B 404 -11.67 -11.19 24.11
C LEU B 404 -13.19 -11.04 24.25
N GLN B 405 -13.87 -11.30 23.15
CA GLN B 405 -15.33 -11.23 23.07
C GLN B 405 -15.80 -12.45 22.31
N TRP B 406 -16.72 -13.20 22.88
CA TRP B 406 -17.26 -14.33 22.16
C TRP B 406 -18.67 -14.64 22.60
N SER B 407 -19.36 -15.43 21.78
CA SER B 407 -20.72 -15.85 22.04
C SER B 407 -20.86 -17.32 21.69
N LEU B 408 -21.97 -17.90 22.10
CA LEU B 408 -22.14 -19.34 22.11
C LEU B 408 -23.17 -19.78 21.09
N ASN B 409 -22.81 -20.77 20.28
CA ASN B 409 -23.70 -21.34 19.30
C ASN B 409 -24.63 -22.36 19.94
N THR B 410 -24.08 -23.22 20.78
CA THR B 410 -24.86 -24.24 21.46
C THR B 410 -25.72 -23.60 22.55
N GLU B 411 -26.49 -24.44 23.24
CA GLU B 411 -27.22 -23.97 24.41
C GLU B 411 -26.25 -23.67 25.54
N PHE B 412 -26.56 -22.63 26.31
CA PHE B 412 -25.70 -22.22 27.42
C PHE B 412 -25.60 -23.31 28.48
N GLY B 413 -26.62 -24.14 28.62
CA GLY B 413 -26.58 -25.22 29.58
C GLY B 413 -25.88 -26.46 29.12
N LYS B 414 -25.61 -26.54 27.82
CA LYS B 414 -24.81 -27.60 27.24
C LYS B 414 -23.36 -27.18 27.08
N SER B 415 -22.99 -26.02 27.60
CA SER B 415 -21.67 -25.48 27.36
C SER B 415 -20.63 -26.26 28.14
N SER B 416 -19.40 -26.27 27.62
CA SER B 416 -18.31 -26.96 28.27
C SER B 416 -17.01 -26.43 27.70
N GLY B 417 -15.94 -26.69 28.42
CA GLY B 417 -14.62 -26.38 27.93
C GLY B 417 -14.21 -24.96 28.22
N SER B 418 -13.09 -24.57 27.61
CA SER B 418 -12.46 -23.28 27.87
C SER B 418 -11.93 -22.68 26.59
N VAL B 419 -11.58 -21.40 26.70
CA VAL B 419 -10.71 -20.72 25.76
C VAL B 419 -9.54 -20.22 26.59
N THR B 420 -8.34 -20.65 26.25
CA THR B 420 -7.15 -20.28 26.97
C THR B 420 -6.24 -19.48 26.05
N ILE B 421 -5.39 -18.68 26.65
CA ILE B 421 -4.27 -18.11 25.94
C ILE B 421 -3.00 -18.47 26.70
N THR B 422 -1.99 -18.85 25.93
CA THR B 422 -0.73 -19.37 26.43
C THR B 422 0.36 -18.39 26.04
N LYS B 423 1.20 -18.07 27.01
CA LYS B 423 2.18 -17.00 26.91
C LYS B 423 3.53 -17.57 27.28
N LEU B 424 4.47 -17.55 26.34
CA LEU B 424 5.79 -18.11 26.52
C LEU B 424 6.84 -17.09 26.16
N VAL B 425 8.09 -17.43 26.42
CA VAL B 425 9.25 -16.70 25.94
C VAL B 425 10.00 -17.64 25.00
N GLY B 426 10.05 -17.28 23.73
CA GLY B 426 10.50 -18.19 22.70
C GLY B 426 9.41 -19.17 22.33
N ASP B 427 9.66 -19.94 21.27
CA ASP B 427 8.66 -20.88 20.81
C ASP B 427 8.69 -22.15 21.64
N LYS B 428 7.53 -22.82 21.67
CA LYS B 428 7.24 -23.84 22.69
C LYS B 428 8.19 -25.02 22.67
N ALA B 429 9.12 -25.07 21.72
CA ALA B 429 10.16 -26.09 21.81
C ALA B 429 10.94 -25.92 23.10
N MET B 430 11.35 -24.69 23.38
CA MET B 430 11.87 -24.27 24.66
C MET B 430 11.04 -23.09 25.15
N GLY B 431 11.04 -22.85 26.45
CA GLY B 431 10.24 -21.75 26.96
C GLY B 431 10.22 -21.74 28.46
N LEU B 432 9.77 -20.62 28.99
CA LEU B 432 9.73 -20.38 30.41
C LEU B 432 8.31 -20.39 31.00
N ASP B 433 7.29 -20.52 30.16
CA ASP B 433 5.91 -20.66 30.62
C ASP B 433 5.52 -19.52 31.56
N GLY B 434 5.43 -18.33 30.97
CA GLY B 434 5.01 -17.15 31.68
C GLY B 434 3.52 -17.13 31.98
N PRO B 435 2.97 -15.93 32.19
CA PRO B 435 1.57 -15.82 32.62
C PRO B 435 0.60 -16.26 31.53
N SER B 436 -0.18 -17.27 31.84
CA SER B 436 -1.18 -17.82 30.93
C SER B 436 -2.52 -17.86 31.64
N HIS B 437 -3.60 -17.71 30.86
CA HIS B 437 -4.93 -17.67 31.44
C HIS B 437 -5.81 -18.74 30.81
N VAL B 438 -6.62 -19.39 31.65
CA VAL B 438 -7.64 -20.32 31.21
C VAL B 438 -8.98 -19.72 31.59
N PHE B 439 -9.73 -19.23 30.60
CA PHE B 439 -11.07 -18.74 30.81
C PHE B 439 -12.05 -19.83 30.42
N ALA B 440 -13.01 -20.12 31.29
CA ALA B 440 -14.10 -20.97 30.86
C ALA B 440 -15.00 -20.19 29.92
N ILE B 441 -15.55 -20.88 28.93
CA ILE B 441 -16.33 -20.19 27.90
C ILE B 441 -17.68 -19.78 28.46
N GLN B 442 -17.96 -20.15 29.71
CA GLN B 442 -19.15 -19.64 30.37
C GLN B 442 -18.98 -18.21 30.87
N LYS B 443 -17.78 -17.65 30.78
CA LYS B 443 -17.55 -16.31 31.31
C LYS B 443 -17.86 -15.25 30.26
N LEU B 444 -17.50 -15.50 29.02
CA LEU B 444 -17.86 -14.75 27.82
C LEU B 444 -17.06 -13.45 27.64
N GLU B 445 -16.09 -13.15 28.50
CA GLU B 445 -15.20 -12.03 28.22
C GLU B 445 -13.90 -12.18 29.01
N GLY B 446 -12.81 -11.76 28.39
CA GLY B 446 -11.51 -11.80 29.03
C GLY B 446 -10.60 -10.74 28.46
N THR B 447 -9.63 -10.33 29.28
CA THR B 447 -8.73 -9.23 28.93
C THR B 447 -7.30 -9.57 29.33
N THR B 448 -6.36 -9.28 28.44
CA THR B 448 -4.95 -9.58 28.65
C THR B 448 -4.11 -8.55 27.92
N GLU B 449 -2.81 -8.83 27.77
CA GLU B 449 -1.84 -7.87 27.28
C GLU B 449 -0.85 -8.59 26.37
N LEU B 450 -0.34 -7.88 25.36
CA LEU B 450 0.55 -8.48 24.38
C LEU B 450 1.64 -7.50 24.01
N LEU B 451 2.82 -8.02 23.67
CA LEU B 451 3.97 -7.23 23.26
C LEU B 451 4.30 -7.53 21.81
N VAL B 452 4.44 -6.49 21.00
CA VAL B 452 4.94 -6.61 19.64
C VAL B 452 6.33 -5.99 19.60
N GLY B 453 7.31 -6.81 19.23
CA GLY B 453 8.70 -6.42 19.29
C GLY B 453 9.60 -7.64 19.31
N ASN B 454 10.82 -7.42 19.80
CA ASN B 454 11.86 -8.43 19.85
C ASN B 454 12.76 -8.12 21.04
N PHE B 455 13.94 -8.74 21.04
CA PHE B 455 15.05 -8.22 21.82
C PHE B 455 15.71 -7.04 21.15
N ALA B 456 15.67 -7.01 19.82
CA ALA B 456 16.26 -5.92 19.06
C ALA B 456 15.48 -4.63 19.21
N GLY B 457 14.19 -4.70 19.49
CA GLY B 457 13.37 -3.55 19.80
C GLY B 457 12.22 -3.30 18.85
N ALA B 458 12.23 -3.92 17.67
CA ALA B 458 11.16 -3.66 16.72
C ALA B 458 11.06 -4.80 15.72
N ASN B 459 9.84 -5.02 15.24
CA ASN B 459 9.49 -6.14 14.39
C ASN B 459 8.91 -5.64 13.08
N PRO B 460 9.48 -5.98 11.92
CA PRO B 460 8.90 -5.56 10.65
C PRO B 460 7.85 -6.53 10.09
N ASN B 461 7.33 -6.14 8.92
CA ASN B 461 6.11 -6.70 8.36
C ASN B 461 6.36 -8.02 7.66
N THR B 462 7.35 -8.06 6.78
CA THR B 462 7.74 -9.31 6.14
C THR B 462 8.47 -10.18 7.14
N ARG B 463 8.06 -11.45 7.24
CA ARG B 463 8.27 -12.20 8.47
C ARG B 463 9.68 -12.77 8.59
N PHE B 464 10.27 -12.54 9.77
CA PHE B 464 11.31 -13.36 10.37
C PHE B 464 10.92 -13.56 11.82
N SER B 465 11.65 -14.43 12.51
CA SER B 465 11.38 -14.70 13.93
C SER B 465 12.63 -14.42 14.74
N LEU B 466 12.53 -13.46 15.63
CA LEU B 466 13.59 -13.11 16.56
C LEU B 466 13.08 -13.29 17.98
N TYR B 467 13.96 -13.77 18.85
CA TYR B 467 13.57 -14.20 20.19
C TYR B 467 12.75 -13.15 20.91
N SER B 468 11.53 -13.51 21.27
CA SER B 468 10.60 -12.62 21.96
C SER B 468 9.46 -13.45 22.53
N ARG B 469 8.55 -12.76 23.21
CA ARG B 469 7.42 -13.42 23.83
C ARG B 469 6.41 -13.85 22.79
N TRP B 470 5.76 -14.99 23.04
CA TRP B 470 4.99 -15.71 22.05
C TRP B 470 3.64 -16.08 22.67
N MET B 471 2.56 -15.63 22.04
CA MET B 471 1.21 -15.83 22.54
C MET B 471 0.40 -16.64 21.55
N ALA B 472 -0.29 -17.65 22.06
CA ALA B 472 -1.14 -18.52 21.25
C ALA B 472 -2.48 -18.70 21.93
N ILE B 473 -3.55 -18.65 21.14
CA ILE B 473 -4.90 -18.89 21.61
C ILE B 473 -5.25 -20.35 21.39
N LYS B 474 -5.62 -21.06 22.44
CA LYS B 474 -5.98 -22.47 22.33
C LYS B 474 -7.43 -22.65 22.74
N LEU B 475 -8.20 -23.33 21.90
CA LEU B 475 -9.61 -23.57 22.13
C LEU B 475 -9.81 -25.04 22.48
N ASP B 476 -10.36 -25.30 23.66
CA ASP B 476 -10.58 -26.67 24.07
C ASP B 476 -11.69 -27.31 23.25
N GLN B 477 -12.88 -26.73 23.28
CA GLN B 477 -14.00 -27.16 22.46
C GLN B 477 -14.38 -26.01 21.55
N ALA B 478 -14.13 -26.17 20.25
CA ALA B 478 -14.21 -25.06 19.32
C ALA B 478 -15.62 -24.82 18.79
N LYS B 479 -16.33 -25.88 18.43
CA LYS B 479 -17.63 -25.73 17.80
C LYS B 479 -18.58 -24.89 18.64
N SER B 480 -18.38 -24.82 19.95
CA SER B 480 -19.26 -24.03 20.80
C SER B 480 -19.27 -22.58 20.37
N ILE B 481 -18.09 -22.01 20.15
CA ILE B 481 -17.97 -20.59 19.87
C ILE B 481 -18.46 -20.32 18.45
N LYS B 482 -19.48 -19.49 18.32
CA LYS B 482 -19.95 -19.13 17.00
C LYS B 482 -19.03 -18.11 16.35
N VAL B 483 -18.78 -17.00 17.05
CA VAL B 483 -17.89 -15.95 16.58
C VAL B 483 -17.03 -15.52 17.73
N LEU B 484 -15.76 -15.27 17.44
CA LEU B 484 -14.82 -14.72 18.39
C LEU B 484 -14.23 -13.45 17.81
N ARG B 485 -14.03 -12.46 18.66
CA ARG B 485 -13.37 -11.23 18.29
C ARG B 485 -12.33 -10.89 19.33
N VAL B 486 -11.36 -10.08 18.91
CA VAL B 486 -10.38 -9.52 19.81
C VAL B 486 -10.11 -8.10 19.36
N LEU B 487 -10.24 -7.15 20.27
CA LEU B 487 -10.02 -5.76 19.98
C LEU B 487 -8.96 -5.21 20.90
N CYS B 488 -8.08 -4.39 20.33
CA CYS B 488 -6.83 -4.03 20.99
C CYS B 488 -6.61 -2.53 20.99
N LYS B 489 -6.23 -2.00 22.13
CA LYS B 489 -5.78 -0.63 22.26
C LYS B 489 -4.31 -0.59 22.59
N PRO B 490 -3.50 0.13 21.84
CA PRO B 490 -2.09 0.23 22.17
C PRO B 490 -1.86 1.15 23.35
N ARG B 491 -0.95 0.73 24.24
CA ARG B 491 -0.58 1.57 25.34
C ARG B 491 0.08 2.83 24.81
N PRO B 492 0.07 3.92 25.59
CA PRO B 492 0.60 5.20 25.07
C PRO B 492 1.97 5.09 24.43
N GLY B 493 2.88 4.33 25.03
CA GLY B 493 4.19 4.15 24.45
C GLY B 493 4.11 3.27 23.21
N PHE B 494 4.33 3.86 22.04
CA PHE B 494 4.31 3.10 20.80
C PHE B 494 5.20 3.84 19.81
N SER B 495 5.61 3.15 18.76
CA SER B 495 6.52 3.81 17.83
C SER B 495 6.47 3.18 16.45
N PHE B 496 6.86 3.99 15.47
CA PHE B 496 6.97 3.58 14.08
C PHE B 496 8.28 4.13 13.53
N TYR B 497 9.13 3.22 13.08
CA TYR B 497 10.44 3.54 12.51
C TYR B 497 10.35 3.33 11.01
N GLY B 498 10.93 4.25 10.26
CA GLY B 498 10.92 4.17 8.82
C GLY B 498 9.66 4.74 8.22
N ARG B 499 9.72 4.96 6.92
CA ARG B 499 8.61 5.48 6.15
C ARG B 499 8.60 4.76 4.81
N THR B 500 7.43 4.32 4.37
CA THR B 500 7.32 3.59 3.12
C THR B 500 5.86 3.58 2.71
N SER B 501 5.60 3.00 1.55
CA SER B 501 4.26 2.73 1.07
C SER B 501 4.11 1.25 0.79
N PHE B 502 2.87 0.77 0.82
CA PHE B 502 2.56 -0.65 0.67
C PHE B 502 1.66 -0.86 -0.54
N PRO B 503 2.17 -1.38 -1.65
CA PRO B 503 1.37 -1.48 -2.86
C PRO B 503 0.30 -2.55 -2.83
N VAL B 504 0.22 -3.32 -1.75
CA VAL B 504 -0.76 -4.40 -1.65
C VAL B 504 -0.47 -5.42 -2.73
#